data_9Q9E
#
_entry.id   9Q9E
#
_cell.length_a   54.726
_cell.length_b   99.692
_cell.length_c   113.576
_cell.angle_alpha   90.000
_cell.angle_beta   90.000
_cell.angle_gamma   90.000
#
_symmetry.space_group_name_H-M   'P 21 21 21'
#
loop_
_entity.id
_entity.type
_entity.pdbx_description
1 polymer 'Transcription factor ETV6,Small ubiquitin-related modifier 1'
2 non-polymer 'PENTAETHYLENE GLYCOL'
3 non-polymer 'PHOSPHATE ION'
4 water water
#
_entity_poly.entity_id   1
_entity_poly.type   'polypeptide(L)'
_entity_poly.pdbx_seq_one_letter_code
;MHHHHHHSIALPAHLRLQPIYWSRDDVAQWLKWAENEFSLRPIDSNTFEMNGKALLLLTKEDFRYRSPHSGDELYELLQH
ILAQPAAEGEYIKLKVIGQDSSEIHFKVKMTTHLKKLKESYCQRQGVPMNSLRFLFEGQRIADNHTPKELGMEEEDVIEV
YQEQTGG
;
_entity_poly.pdbx_strand_id   A,B,C
#
loop_
_chem_comp.id
_chem_comp.type
_chem_comp.name
_chem_comp.formula
1PE non-polymer 'PENTAETHYLENE GLYCOL' 'C10 H22 O6'
PO4 non-polymer 'PHOSPHATE ION' 'O4 P -3'
#
# COMPACT_ATOMS: atom_id res chain seq x y z
N LEU A 11 -2.26 13.43 30.27
CA LEU A 11 -2.08 14.85 30.57
C LEU A 11 -2.66 15.19 31.94
N PRO A 12 -2.09 16.21 32.60
CA PRO A 12 -2.68 16.68 33.87
C PRO A 12 -4.16 17.01 33.76
N ALA A 13 -4.83 17.04 34.91
CA ALA A 13 -6.29 17.14 34.92
C ALA A 13 -6.79 18.35 34.16
N HIS A 14 -6.10 19.49 34.28
CA HIS A 14 -6.52 20.68 33.57
C HIS A 14 -6.37 20.51 32.06
N LEU A 15 -5.22 20.00 31.61
CA LEU A 15 -4.96 19.85 30.19
C LEU A 15 -5.97 18.95 29.48
N ARG A 16 -6.83 18.25 30.24
CA ARG A 16 -7.82 17.38 29.63
C ARG A 16 -9.01 18.15 29.05
N LEU A 17 -9.24 19.39 29.47
CA LEU A 17 -10.36 20.14 28.93
C LEU A 17 -9.92 20.94 27.70
N GLN A 18 -10.88 21.61 27.06
CA GLN A 18 -10.59 22.28 25.80
C GLN A 18 -9.71 23.51 26.03
N PRO A 19 -8.80 23.81 25.11
CA PRO A 19 -7.84 24.91 25.36
C PRO A 19 -8.49 26.27 25.61
N ILE A 20 -9.73 26.48 25.17
CA ILE A 20 -10.40 27.75 25.44
C ILE A 20 -10.52 28.00 26.94
N TYR A 21 -10.42 26.95 27.75
CA TYR A 21 -10.49 27.05 29.20
C TYR A 21 -9.12 27.07 29.87
N TRP A 22 -8.03 27.02 29.10
CA TRP A 22 -6.70 26.99 29.68
C TRP A 22 -6.29 28.36 30.23
N SER A 23 -5.65 28.36 31.39
CA SER A 23 -5.09 29.57 31.97
C SER A 23 -3.65 29.75 31.51
N ARG A 24 -3.02 30.86 31.94
CA ARG A 24 -1.59 31.04 31.70
C ARG A 24 -0.80 29.84 32.17
N ASP A 25 -1.10 29.35 33.37
CA ASP A 25 -0.36 28.24 33.94
C ASP A 25 -0.64 26.93 33.21
N ASP A 26 -1.88 26.75 32.75
CA ASP A 26 -2.22 25.56 31.95
C ASP A 26 -1.39 25.53 30.68
N VAL A 27 -1.23 26.68 30.02
CA VAL A 27 -0.45 26.75 28.78
C VAL A 27 1.00 26.36 29.04
N ALA A 28 1.58 26.91 30.12
CA ALA A 28 2.97 26.61 30.44
C ALA A 28 3.15 25.14 30.80
N GLN A 29 2.17 24.55 31.50
CA GLN A 29 2.25 23.13 31.82
C GLN A 29 2.06 22.27 30.57
N TRP A 30 1.22 22.74 29.64
CA TRP A 30 1.04 22.02 28.38
C TRP A 30 2.35 21.97 27.60
N LEU A 31 3.12 23.06 27.61
CA LEU A 31 4.41 23.05 26.93
C LEU A 31 5.37 22.04 27.56
N LYS A 32 5.40 21.99 28.90
CA LYS A 32 6.29 21.06 29.58
C LYS A 32 5.88 19.61 29.32
N TRP A 33 4.57 19.34 29.31
CA TRP A 33 4.10 17.98 29.01
C TRP A 33 4.49 17.58 27.59
N ALA A 34 4.29 18.48 26.62
CA ALA A 34 4.60 18.16 25.23
C ALA A 34 6.09 17.95 25.02
N GLU A 35 6.92 18.77 25.66
CA GLU A 35 8.38 18.65 25.49
C GLU A 35 8.88 17.31 25.98
N ASN A 36 8.28 16.77 27.04
CA ASN A 36 8.70 15.46 27.53
CA ASN A 36 8.68 15.46 27.56
C ASN A 36 8.01 14.33 26.80
N GLU A 37 6.75 14.52 26.40
CA GLU A 37 6.04 13.49 25.65
C GLU A 37 6.65 13.27 24.27
N PHE A 38 7.24 14.31 23.68
CA PHE A 38 7.67 14.26 22.30
C PHE A 38 9.17 14.48 22.13
N SER A 39 9.93 14.50 23.24
CA SER A 39 11.38 14.63 23.20
C SER A 39 11.81 15.89 22.45
N LEU A 40 11.12 16.99 22.71
CA LEU A 40 11.43 18.25 22.05
C LEU A 40 12.55 18.97 22.78
N ARG A 41 13.14 19.95 22.08
CA ARG A 41 14.08 20.84 22.74
C ARG A 41 13.39 21.57 23.88
N PRO A 42 14.13 21.99 24.92
CA PRO A 42 13.51 22.73 26.02
C PRO A 42 12.77 23.96 25.51
N ILE A 43 11.52 24.09 25.92
CA ILE A 43 10.65 25.18 25.49
C ILE A 43 10.67 26.25 26.56
N ASP A 44 11.09 27.46 26.20
CA ASP A 44 11.07 28.57 27.12
C ASP A 44 9.61 28.93 27.42
N SER A 45 9.25 28.92 28.71
CA SER A 45 7.87 29.21 29.09
C SER A 45 7.45 30.61 28.69
N ASN A 46 8.42 31.52 28.54
CA ASN A 46 8.15 32.91 28.25
C ASN A 46 7.86 33.17 26.77
N THR A 47 7.76 32.11 25.96
CA THR A 47 7.45 32.24 24.54
C THR A 47 5.97 32.13 24.25
N PHE A 48 5.14 31.81 25.25
CA PHE A 48 3.69 31.76 25.10
C PHE A 48 3.06 32.35 26.38
N GLU A 49 3.26 33.66 26.58
CA GLU A 49 2.74 34.35 27.76
C GLU A 49 1.32 34.81 27.45
N MET A 50 0.40 33.86 27.53
CA MET A 50 -0.97 34.04 27.07
C MET A 50 -1.76 32.81 27.49
N ASN A 51 -3.08 32.99 27.61
CA ASN A 51 -3.94 31.87 28.01
C ASN A 51 -4.36 31.05 26.78
N GLY A 52 -5.23 30.07 27.01
CA GLY A 52 -5.62 29.19 25.92
C GLY A 52 -6.47 29.89 24.87
N LYS A 53 -7.33 30.81 25.29
CA LYS A 53 -8.10 31.60 24.33
C LYS A 53 -7.19 32.31 23.35
N ALA A 54 -6.06 32.84 23.85
CA ALA A 54 -5.14 33.54 22.97
C ALA A 54 -4.37 32.57 22.08
N LEU A 55 -4.02 31.39 22.60
CA LEU A 55 -3.37 30.36 21.79
C LEU A 55 -4.15 30.09 20.51
N LEU A 56 -5.48 30.07 20.61
CA LEU A 56 -6.32 29.69 19.48
C LEU A 56 -6.33 30.73 18.38
N LEU A 57 -5.88 31.97 18.68
CA LEU A 57 -5.82 33.01 17.66
C LEU A 57 -4.54 33.01 16.87
N LEU A 58 -3.48 32.39 17.38
CA LEU A 58 -2.20 32.36 16.68
C LEU A 58 -2.28 31.47 15.46
N THR A 59 -1.59 31.90 14.39
CA THR A 59 -1.44 31.06 13.22
C THR A 59 -0.26 30.10 13.41
N LYS A 60 -0.12 29.16 12.47
CA LYS A 60 1.02 28.25 12.53
C LYS A 60 2.34 29.00 12.36
N GLU A 61 2.33 30.06 11.54
CA GLU A 61 3.53 30.87 11.40
C GLU A 61 3.89 31.56 12.71
N ASP A 62 2.88 31.96 13.49
CA ASP A 62 3.15 32.52 14.81
C ASP A 62 3.80 31.49 15.72
N PHE A 63 3.31 30.25 15.69
CA PHE A 63 3.93 29.18 16.47
C PHE A 63 5.38 28.98 16.04
N ARG A 64 5.61 28.91 14.73
CA ARG A 64 6.97 28.70 14.22
C ARG A 64 7.88 29.85 14.61
N TYR A 65 7.37 31.08 14.58
CA TYR A 65 8.16 32.23 15.00
C TYR A 65 8.53 32.12 16.48
N ARG A 66 7.56 31.81 17.33
CA ARG A 66 7.81 31.75 18.77
C ARG A 66 8.66 30.55 19.14
N SER A 67 8.50 29.42 18.44
CA SER A 67 9.26 28.21 18.71
C SER A 67 9.80 27.67 17.39
N PRO A 68 11.00 28.10 16.98
CA PRO A 68 11.56 27.60 15.72
C PRO A 68 11.82 26.10 15.73
N HIS A 69 12.09 25.51 16.90
CA HIS A 69 12.38 24.08 16.96
C HIS A 69 11.12 23.23 17.06
N SER A 70 10.04 23.77 17.64
CA SER A 70 8.89 22.95 17.97
C SER A 70 7.55 23.59 17.63
N GLY A 71 7.53 24.78 17.02
CA GLY A 71 6.28 25.50 16.86
C GLY A 71 5.24 24.76 16.02
N ASP A 72 5.66 24.19 14.89
CA ASP A 72 4.71 23.46 14.05
C ASP A 72 4.19 22.22 14.77
N GLU A 73 5.05 21.56 15.53
CA GLU A 73 4.61 20.40 16.30
C GLU A 73 3.57 20.79 17.34
N LEU A 74 3.81 21.89 18.06
CA LEU A 74 2.85 22.33 19.07
C LEU A 74 1.54 22.76 18.44
N TYR A 75 1.60 23.40 17.27
CA TYR A 75 0.38 23.82 16.59
C TYR A 75 -0.44 22.62 16.14
N GLU A 76 0.21 21.63 15.55
CA GLU A 76 -0.50 20.43 15.12
C GLU A 76 -1.04 19.65 16.31
N LEU A 77 -0.26 19.60 17.41
CA LEU A 77 -0.75 19.02 18.65
C LEU A 77 -2.02 19.71 19.11
N LEU A 78 -2.06 21.04 18.98
CA LEU A 78 -3.24 21.79 19.39
C LEU A 78 -4.42 21.49 18.48
N GLN A 79 -4.17 21.34 17.18
CA GLN A 79 -5.24 21.00 16.24
C GLN A 79 -5.90 19.68 16.62
N HIS A 80 -5.09 18.70 17.02
CA HIS A 80 -5.65 17.39 17.40
C HIS A 80 -6.49 17.49 18.67
N ILE A 81 -6.03 18.30 19.64
CA ILE A 81 -6.81 18.51 20.85
C ILE A 81 -8.12 19.21 20.52
N LEU A 82 -8.08 20.16 19.59
CA LEU A 82 -9.28 20.89 19.21
C LEU A 82 -10.32 19.99 18.55
N ALA A 83 -9.89 18.91 17.91
CA ALA A 83 -10.79 18.01 17.19
C ALA A 83 -11.41 16.94 18.07
N GLN A 84 -11.05 16.89 19.35
CA GLN A 84 -11.52 15.80 20.21
C GLN A 84 -13.02 15.80 20.43
N PRO A 85 -13.68 16.92 20.76
CA PRO A 85 -15.14 16.85 20.96
C PRO A 85 -15.92 16.39 19.73
N ALA A 86 -15.46 16.78 18.54
CA ALA A 86 -16.13 16.34 17.31
C ALA A 86 -15.90 14.85 17.07
N ALA A 87 -14.69 14.37 17.38
CA ALA A 87 -14.44 12.93 17.27
C ALA A 87 -15.28 12.15 18.27
N GLU A 88 -15.52 12.73 19.45
CA GLU A 88 -16.39 12.08 20.44
C GLU A 88 -17.84 12.07 19.96
N GLY A 89 -18.31 13.18 19.41
CA GLY A 89 -19.66 13.26 18.87
C GLY A 89 -19.94 12.28 17.74
N GLU A 90 -18.90 11.68 17.17
CA GLU A 90 -19.08 10.65 16.15
C GLU A 90 -19.38 9.28 16.74
N TYR A 91 -19.27 9.12 18.05
CA TYR A 91 -19.46 7.83 18.71
C TYR A 91 -20.66 7.88 19.63
N ILE A 92 -21.28 6.71 19.83
CA ILE A 92 -22.34 6.54 20.81
C ILE A 92 -22.04 5.31 21.65
N LYS A 93 -22.73 5.19 22.77
CA LYS A 93 -22.60 4.05 23.67
C LYS A 93 -23.81 3.14 23.50
N LEU A 94 -23.55 1.86 23.24
CA LEU A 94 -24.60 0.88 23.02
C LEU A 94 -24.46 -0.24 24.04
N LYS A 95 -25.58 -0.61 24.66
CA LYS A 95 -25.61 -1.69 25.65
C LYS A 95 -26.42 -2.85 25.06
N VAL A 96 -25.77 -4.01 24.92
CA VAL A 96 -26.40 -5.20 24.36
C VAL A 96 -26.90 -6.06 25.51
N ILE A 97 -28.21 -6.28 25.55
CA ILE A 97 -28.85 -7.03 26.63
C ILE A 97 -29.08 -8.46 26.13
N GLY A 98 -28.57 -9.44 26.86
CA GLY A 98 -28.84 -10.82 26.53
C GLY A 98 -30.15 -11.30 27.14
N GLN A 99 -30.63 -12.45 26.65
CA GLN A 99 -31.81 -13.06 27.23
C GLN A 99 -31.61 -13.34 28.71
N ASP A 100 -30.40 -13.71 29.11
CA ASP A 100 -30.05 -13.94 30.50
C ASP A 100 -29.77 -12.65 31.26
N SER A 101 -30.17 -11.50 30.71
CA SER A 101 -30.00 -10.17 31.29
C SER A 101 -28.54 -9.75 31.41
N SER A 102 -27.61 -10.50 30.83
CA SER A 102 -26.21 -10.07 30.82
C SER A 102 -26.05 -8.84 29.95
N GLU A 103 -25.02 -8.05 30.25
CA GLU A 103 -24.81 -6.77 29.59
C GLU A 103 -23.37 -6.67 29.10
N ILE A 104 -23.21 -6.38 27.82
CA ILE A 104 -21.90 -6.07 27.23
C ILE A 104 -22.02 -4.71 26.56
N HIS A 105 -21.07 -3.82 26.86
CA HIS A 105 -21.13 -2.43 26.43
C HIS A 105 -20.20 -2.19 25.24
N PHE A 106 -20.67 -1.39 24.29
CA PHE A 106 -19.91 -1.07 23.09
C PHE A 106 -19.89 0.43 22.85
N LYS A 107 -18.76 0.92 22.36
CA LYS A 107 -18.63 2.27 21.83
C LYS A 107 -18.36 2.16 20.34
N VAL A 108 -19.30 2.64 19.51
CA VAL A 108 -19.21 2.46 18.08
C VAL A 108 -19.37 3.80 17.38
N LYS A 109 -18.73 3.93 16.23
CA LYS A 109 -18.93 5.11 15.40
C LYS A 109 -20.33 5.11 14.81
N MET A 110 -20.93 6.30 14.76
CA MET A 110 -22.31 6.41 14.30
C MET A 110 -22.48 5.99 12.85
N THR A 111 -21.40 5.94 12.07
CA THR A 111 -21.48 5.61 10.66
C THR A 111 -20.89 4.24 10.33
N THR A 112 -20.39 3.51 11.33
CA THR A 112 -19.87 2.18 11.09
C THR A 112 -21.01 1.17 10.96
N HIS A 113 -20.85 0.24 10.02
CA HIS A 113 -21.84 -0.82 9.86
C HIS A 113 -21.88 -1.70 11.11
N LEU A 114 -23.08 -2.01 11.57
CA LEU A 114 -23.25 -2.75 12.81
C LEU A 114 -22.86 -4.23 12.67
N LYS A 115 -22.40 -4.66 11.51
CA LYS A 115 -21.88 -6.03 11.36
C LYS A 115 -20.69 -6.25 12.28
N LYS A 116 -19.86 -5.22 12.46
CA LYS A 116 -18.69 -5.35 13.34
C LYS A 116 -19.11 -5.61 14.78
N LEU A 117 -20.15 -4.93 15.25
CA LEU A 117 -20.62 -5.15 16.61
C LEU A 117 -21.23 -6.53 16.78
N LYS A 118 -21.98 -7.00 15.77
CA LYS A 118 -22.64 -8.29 15.87
C LYS A 118 -21.63 -9.43 15.88
N GLU A 119 -20.59 -9.34 15.06
CA GLU A 119 -19.56 -10.38 15.05
C GLU A 119 -18.75 -10.38 16.34
N SER A 120 -18.45 -9.20 16.87
CA SER A 120 -17.70 -9.12 18.11
C SER A 120 -18.48 -9.73 19.27
N TYR A 121 -19.79 -9.46 19.33
CA TYR A 121 -20.61 -10.02 20.41
C TYR A 121 -20.70 -11.53 20.28
N CYS A 122 -20.93 -12.03 19.06
CA CYS A 122 -20.98 -13.48 18.86
C CYS A 122 -19.65 -14.13 19.23
N GLN A 123 -18.54 -13.44 18.98
CA GLN A 123 -17.23 -13.99 19.33
C GLN A 123 -17.09 -14.11 20.84
N ARG A 124 -17.41 -13.04 21.58
CA ARG A 124 -17.29 -13.08 23.03
C ARG A 124 -18.23 -14.12 23.65
N GLN A 125 -19.31 -14.48 22.95
CA GLN A 125 -20.25 -15.46 23.44
C GLN A 125 -19.93 -16.88 22.98
N GLY A 126 -18.88 -17.05 22.19
CA GLY A 126 -18.54 -18.37 21.68
C GLY A 126 -19.62 -18.97 20.81
N VAL A 127 -20.36 -18.14 20.10
CA VAL A 127 -21.58 -18.56 19.41
C VAL A 127 -21.43 -18.27 17.92
N PRO A 128 -21.96 -19.13 17.04
CA PRO A 128 -21.83 -18.88 15.60
C PRO A 128 -22.26 -17.48 15.22
N MET A 129 -21.69 -17.00 14.10
CA MET A 129 -21.83 -15.60 13.73
C MET A 129 -23.26 -15.24 13.36
N ASN A 130 -24.04 -16.18 12.85
CA ASN A 130 -25.36 -15.88 12.31
C ASN A 130 -26.47 -16.65 13.03
N SER A 131 -26.26 -17.00 14.30
CA SER A 131 -27.27 -17.69 15.08
C SER A 131 -27.95 -16.80 16.11
N LEU A 132 -27.49 -15.57 16.29
CA LEU A 132 -28.14 -14.59 17.14
C LEU A 132 -28.77 -13.51 16.28
N ARG A 133 -29.89 -12.96 16.76
CA ARG A 133 -30.54 -11.82 16.12
C ARG A 133 -30.54 -10.64 17.08
N PHE A 134 -30.25 -9.46 16.54
CA PHE A 134 -30.07 -8.24 17.34
C PHE A 134 -31.21 -7.29 17.02
N LEU A 135 -31.94 -6.88 18.05
CA LEU A 135 -33.11 -6.04 17.89
C LEU A 135 -32.86 -4.65 18.46
N PHE A 136 -33.35 -3.64 17.75
CA PHE A 136 -33.36 -2.26 18.23
C PHE A 136 -34.77 -1.71 18.05
N GLU A 137 -35.48 -1.54 19.16
CA GLU A 137 -36.84 -1.01 19.15
C GLU A 137 -37.77 -1.86 18.29
N GLY A 138 -37.63 -3.18 18.39
CA GLY A 138 -38.47 -4.10 17.69
C GLY A 138 -38.03 -4.45 16.28
N GLN A 139 -36.97 -3.82 15.77
CA GLN A 139 -36.52 -4.03 14.40
C GLN A 139 -35.22 -4.81 14.38
N ARG A 140 -35.14 -5.78 13.47
CA ARG A 140 -33.94 -6.59 13.32
C ARG A 140 -32.80 -5.75 12.76
N ILE A 141 -31.65 -5.79 13.42
CA ILE A 141 -30.49 -5.02 12.99
C ILE A 141 -29.74 -5.80 11.91
N ALA A 142 -29.67 -5.23 10.71
CA ALA A 142 -28.96 -5.86 9.62
C ALA A 142 -27.46 -5.56 9.71
N ASP A 143 -26.66 -6.37 9.00
CA ASP A 143 -25.23 -6.15 8.98
C ASP A 143 -24.86 -4.79 8.40
N ASN A 144 -25.65 -4.30 7.44
CA ASN A 144 -25.37 -3.04 6.76
C ASN A 144 -26.08 -1.85 7.39
N HIS A 145 -26.71 -2.04 8.55
CA HIS A 145 -27.29 -0.92 9.28
C HIS A 145 -26.21 -0.15 10.01
N THR A 146 -26.41 1.16 10.13
CA THR A 146 -25.55 2.03 10.91
C THR A 146 -26.36 2.64 12.05
N PRO A 147 -25.70 3.03 13.15
CA PRO A 147 -26.44 3.70 14.23
C PRO A 147 -27.13 4.98 13.79
N LYS A 148 -26.46 5.79 12.98
CA LYS A 148 -27.07 7.04 12.51
C LYS A 148 -28.33 6.77 11.70
N GLU A 149 -28.28 5.77 10.82
CA GLU A 149 -29.44 5.45 10.00
C GLU A 149 -30.59 4.89 10.83
N LEU A 150 -30.28 4.15 11.89
CA LEU A 150 -31.31 3.63 12.78
C LEU A 150 -31.82 4.66 13.77
N GLY A 151 -31.10 5.77 13.94
CA GLY A 151 -31.52 6.78 14.89
C GLY A 151 -31.28 6.43 16.34
N MET A 152 -30.25 5.63 16.61
CA MET A 152 -29.91 5.29 17.99
C MET A 152 -29.39 6.52 18.71
N GLU A 153 -29.83 6.70 19.96
CA GLU A 153 -29.44 7.85 20.74
C GLU A 153 -27.96 7.75 21.13
N GLU A 154 -27.44 8.83 21.73
CA GLU A 154 -26.05 8.84 22.15
C GLU A 154 -25.76 7.72 23.15
N GLU A 155 -26.79 7.27 23.88
CA GLU A 155 -26.73 6.07 24.69
C GLU A 155 -28.01 5.29 24.44
N ASP A 156 -27.89 4.10 23.86
CA ASP A 156 -29.07 3.33 23.46
C ASP A 156 -28.85 1.86 23.78
N VAL A 157 -29.90 1.07 23.57
CA VAL A 157 -29.95 -0.32 24.03
C VAL A 157 -30.28 -1.24 22.86
N ILE A 158 -29.64 -2.41 22.84
CA ILE A 158 -29.90 -3.45 21.86
C ILE A 158 -30.22 -4.74 22.61
N GLU A 159 -31.28 -5.43 22.20
CA GLU A 159 -31.60 -6.74 22.75
C GLU A 159 -31.19 -7.82 21.76
N VAL A 160 -30.59 -8.89 22.27
CA VAL A 160 -30.10 -9.99 21.45
C VAL A 160 -30.82 -11.27 21.87
N TYR A 161 -31.27 -12.04 20.88
CA TYR A 161 -31.95 -13.30 21.10
C TYR A 161 -31.38 -14.34 20.13
N GLN A 162 -31.32 -15.59 20.57
CA GLN A 162 -30.83 -16.65 19.71
C GLN A 162 -31.90 -17.05 18.70
N GLU A 163 -31.47 -17.25 17.46
CA GLU A 163 -32.40 -17.62 16.40
C GLU A 163 -32.96 -19.01 16.63
N GLN A 164 -34.20 -19.20 16.21
CA GLN A 164 -34.86 -20.51 16.35
C GLN A 164 -34.47 -21.43 15.22
N SER B 8 8.44 -1.13 -2.06
CA SER B 8 8.68 -1.59 -0.70
C SER B 8 10.03 -1.08 -0.19
N ILE B 9 10.02 -0.51 1.01
CA ILE B 9 11.21 0.09 1.62
C ILE B 9 11.99 -0.99 2.35
N ALA B 10 13.33 -0.90 2.27
CA ALA B 10 14.23 -1.83 2.96
C ALA B 10 14.79 -1.09 4.17
N LEU B 11 14.11 -1.23 5.30
CA LEU B 11 14.50 -0.56 6.53
C LEU B 11 15.60 -1.36 7.24
N PRO B 12 16.49 -0.67 7.96
CA PRO B 12 17.48 -1.38 8.77
C PRO B 12 16.82 -2.06 9.97
N ALA B 13 17.64 -2.84 10.69
CA ALA B 13 17.12 -3.65 11.78
C ALA B 13 16.54 -2.80 12.90
N HIS B 14 17.27 -1.76 13.30
CA HIS B 14 16.83 -0.91 14.41
C HIS B 14 15.68 0.00 14.01
N LEU B 15 15.59 0.37 12.73
CA LEU B 15 14.45 1.14 12.25
C LEU B 15 13.27 0.26 11.83
N ARG B 16 13.46 -1.05 11.72
CA ARG B 16 12.37 -1.97 11.47
C ARG B 16 11.44 -2.04 12.68
N LEU B 17 10.75 -0.93 12.96
CA LEU B 17 9.82 -0.84 14.08
C LEU B 17 8.90 0.33 13.81
N GLN B 18 7.64 0.20 14.21
CA GLN B 18 6.64 1.22 13.88
C GLN B 18 7.12 2.60 14.33
N PRO B 19 7.01 3.63 13.48
CA PRO B 19 7.52 4.96 13.85
C PRO B 19 6.93 5.50 15.15
N ILE B 20 5.75 5.02 15.55
CA ILE B 20 5.15 5.48 16.79
C ILE B 20 6.05 5.16 17.98
N TYR B 21 6.91 4.15 17.85
CA TYR B 21 7.83 3.76 18.90
C TYR B 21 9.22 4.34 18.73
N TRP B 22 9.46 5.12 17.68
CA TRP B 22 10.78 5.68 17.44
C TRP B 22 11.15 6.70 18.51
N SER B 23 12.33 6.54 19.09
CA SER B 23 12.87 7.58 19.96
C SER B 23 13.39 8.74 19.12
N ARG B 24 13.78 9.81 19.80
CA ARG B 24 14.44 10.91 19.10
C ARG B 24 15.73 10.43 18.46
N ASP B 25 16.43 9.52 19.12
CA ASP B 25 17.63 8.91 18.52
C ASP B 25 17.27 8.15 17.25
N ASP B 26 16.14 7.43 17.27
CA ASP B 26 15.74 6.66 16.09
C ASP B 26 15.40 7.58 14.91
N VAL B 27 14.81 8.74 15.19
CA VAL B 27 14.45 9.67 14.13
C VAL B 27 15.71 10.18 13.44
N ALA B 28 16.73 10.52 14.20
CA ALA B 28 17.97 11.01 13.62
C ALA B 28 18.69 9.93 12.81
N GLN B 29 18.61 8.68 13.26
CA GLN B 29 19.21 7.59 12.50
C GLN B 29 18.41 7.28 11.25
N TRP B 30 17.09 7.49 11.30
CA TRP B 30 16.27 7.37 10.09
C TRP B 30 16.66 8.41 9.06
N LEU B 31 16.99 9.63 9.51
CA LEU B 31 17.41 10.68 8.58
C LEU B 31 18.73 10.33 7.91
N LYS B 32 19.70 9.84 8.69
CA LYS B 32 21.01 9.51 8.14
C LYS B 32 20.90 8.36 7.14
N TRP B 33 20.09 7.35 7.45
CA TRP B 33 19.88 6.24 6.52
C TRP B 33 19.23 6.73 5.23
N ALA B 34 18.20 7.57 5.35
CA ALA B 34 17.49 8.05 4.17
C ALA B 34 18.39 8.88 3.28
N GLU B 35 19.28 9.67 3.87
CA GLU B 35 20.17 10.51 3.07
C GLU B 35 21.09 9.68 2.19
N ASN B 36 21.59 8.55 2.71
CA ASN B 36 22.46 7.69 1.92
C ASN B 36 21.65 6.84 0.95
N GLU B 37 20.51 6.31 1.39
CA GLU B 37 19.71 5.44 0.53
C GLU B 37 19.15 6.17 -0.68
N PHE B 38 18.87 7.46 -0.54
CA PHE B 38 18.21 8.22 -1.60
C PHE B 38 19.08 9.32 -2.18
N SER B 39 20.37 9.35 -1.85
CA SER B 39 21.33 10.30 -2.42
C SER B 39 20.88 11.74 -2.21
N LEU B 40 20.35 12.04 -1.03
CA LEU B 40 19.84 13.36 -0.74
C LEU B 40 20.98 14.31 -0.37
N ARG B 41 20.70 15.61 -0.47
CA ARG B 41 21.63 16.61 0.04
C ARG B 41 21.74 16.44 1.56
N PRO B 42 22.94 16.64 2.13
CA PRO B 42 23.13 16.40 3.56
C PRO B 42 22.03 17.00 4.44
N ILE B 43 21.49 16.18 5.32
CA ILE B 43 20.42 16.57 6.23
C ILE B 43 21.04 16.81 7.60
N ASP B 44 20.81 18.00 8.15
CA ASP B 44 21.28 18.29 9.49
C ASP B 44 20.50 17.46 10.51
N SER B 45 21.20 16.97 11.53
CA SER B 45 20.56 16.15 12.55
C SER B 45 19.50 16.94 13.31
N ASN B 46 19.61 18.26 13.34
CA ASN B 46 18.69 19.11 14.07
C ASN B 46 17.39 19.38 13.30
N THR B 47 17.21 18.77 12.13
CA THR B 47 16.04 19.05 11.31
C THR B 47 14.76 18.56 11.96
N PHE B 48 14.82 17.41 12.66
CA PHE B 48 13.66 16.85 13.35
C PHE B 48 14.09 16.45 14.77
N GLU B 49 14.08 17.43 15.68
CA GLU B 49 14.47 17.19 17.07
C GLU B 49 13.23 16.83 17.87
N MET B 50 12.85 15.56 17.76
CA MET B 50 11.62 15.02 18.31
C MET B 50 11.63 13.50 18.12
N ASN B 51 10.71 12.83 18.78
CA ASN B 51 10.59 11.38 18.64
C ASN B 51 9.58 11.05 17.55
N GLY B 52 9.33 9.74 17.38
CA GLY B 52 8.47 9.30 16.29
C GLY B 52 7.02 9.73 16.47
N LYS B 53 6.54 9.73 17.73
CA LYS B 53 5.20 10.23 18.01
C LYS B 53 5.00 11.63 17.43
N ALA B 54 5.94 12.53 17.72
CA ALA B 54 5.83 13.89 17.22
C ALA B 54 5.97 13.95 15.71
N LEU B 55 6.90 13.16 15.15
CA LEU B 55 7.09 13.13 13.71
C LEU B 55 5.77 12.83 12.99
N LEU B 56 4.97 11.92 13.54
CA LEU B 56 3.72 11.54 12.90
C LEU B 56 2.68 12.66 12.93
N LEU B 57 2.87 13.69 13.75
CA LEU B 57 1.93 14.79 13.83
C LEU B 57 2.20 15.89 12.82
N LEU B 58 3.41 15.94 12.26
CA LEU B 58 3.75 16.99 11.32
C LEU B 58 3.05 16.78 9.98
N THR B 59 2.70 17.89 9.33
CA THR B 59 2.13 17.82 8.00
C THR B 59 3.25 17.75 6.96
N LYS B 60 2.85 17.57 5.70
CA LYS B 60 3.83 17.56 4.62
C LYS B 60 4.46 18.94 4.44
N GLU B 61 3.67 19.99 4.64
CA GLU B 61 4.23 21.35 4.58
C GLU B 61 5.28 21.56 5.66
N ASP B 62 5.04 21.02 6.86
CA ASP B 62 6.04 21.07 7.92
C ASP B 62 7.33 20.39 7.48
N PHE B 63 7.22 19.26 6.77
CA PHE B 63 8.40 18.59 6.26
C PHE B 63 9.12 19.46 5.23
N ARG B 64 8.36 20.07 4.32
CA ARG B 64 8.97 20.96 3.32
C ARG B 64 9.67 22.12 3.99
N TYR B 65 9.06 22.69 5.03
CA TYR B 65 9.66 23.85 5.70
C TYR B 65 10.94 23.47 6.42
N ARG B 66 10.93 22.34 7.12
CA ARG B 66 12.13 21.92 7.86
C ARG B 66 13.25 21.47 6.94
N SER B 67 12.91 20.90 5.78
CA SER B 67 13.92 20.41 4.83
C SER B 67 13.49 20.81 3.43
N PRO B 68 13.85 22.02 2.98
CA PRO B 68 13.46 22.44 1.62
C PRO B 68 14.00 21.55 0.52
N HIS B 69 15.13 20.87 0.75
CA HIS B 69 15.72 20.04 -0.29
C HIS B 69 15.17 18.62 -0.31
N SER B 70 14.71 18.11 0.84
CA SER B 70 14.32 16.70 0.93
C SER B 70 13.06 16.46 1.74
N GLY B 71 12.35 17.51 2.19
CA GLY B 71 11.26 17.30 3.12
C GLY B 71 10.10 16.50 2.52
N ASP B 72 9.69 16.84 1.30
CA ASP B 72 8.59 16.13 0.67
C ASP B 72 8.93 14.66 0.45
N GLU B 73 10.19 14.38 0.09
CA GLU B 73 10.62 13.00 -0.11
C GLU B 73 10.65 12.22 1.20
N LEU B 74 11.06 12.88 2.29
CA LEU B 74 11.09 12.22 3.58
C LEU B 74 9.69 11.93 4.09
N TYR B 75 8.75 12.84 3.84
CA TYR B 75 7.37 12.61 4.25
C TYR B 75 6.77 11.41 3.52
N GLU B 76 6.96 11.34 2.20
CA GLU B 76 6.46 10.20 1.44
C GLU B 76 7.13 8.91 1.86
N LEU B 77 8.43 8.98 2.20
CA LEU B 77 9.13 7.80 2.71
C LEU B 77 8.48 7.30 3.99
N LEU B 78 8.11 8.22 4.89
CA LEU B 78 7.45 7.82 6.12
C LEU B 78 6.07 7.23 5.85
N GLN B 79 5.36 7.78 4.85
CA GLN B 79 4.06 7.23 4.48
C GLN B 79 4.20 5.79 3.99
N HIS B 80 5.29 5.49 3.28
CA HIS B 80 5.50 4.12 2.80
C HIS B 80 5.91 3.19 3.93
N ILE B 81 6.69 3.69 4.88
CA ILE B 81 7.05 2.89 6.05
C ILE B 81 5.80 2.56 6.86
N LEU B 82 4.87 3.52 6.95
CA LEU B 82 3.64 3.30 7.69
C LEU B 82 2.75 2.24 7.05
N ALA B 83 2.98 1.94 5.76
CA ALA B 83 2.20 0.93 5.06
C ALA B 83 2.94 -0.40 4.94
N GLN B 84 4.09 -0.53 5.60
CA GLN B 84 4.95 -1.70 5.41
C GLN B 84 4.40 -2.91 6.15
N PRO B 85 3.97 -2.81 7.45
CA PRO B 85 3.29 -3.96 8.08
C PRO B 85 2.21 -4.58 7.20
N ALA B 86 1.38 -3.73 6.60
CA ALA B 86 0.30 -4.25 5.79
C ALA B 86 0.82 -4.89 4.51
N ALA B 87 1.92 -4.36 3.97
CA ALA B 87 2.52 -4.96 2.78
C ALA B 87 3.17 -6.29 3.08
N GLU B 88 3.64 -6.49 4.31
CA GLU B 88 4.26 -7.76 4.67
C GLU B 88 3.23 -8.88 4.80
N GLY B 89 2.00 -8.55 5.20
CA GLY B 89 0.95 -9.54 5.34
C GLY B 89 0.36 -10.04 4.05
N GLU B 90 0.86 -9.56 2.90
CA GLU B 90 0.35 -10.01 1.61
C GLU B 90 0.69 -11.46 1.32
N TYR B 91 1.67 -12.03 2.02
CA TYR B 91 2.11 -13.40 1.82
C TYR B 91 1.95 -14.18 3.11
N ILE B 92 1.39 -15.40 3.02
CA ILE B 92 1.34 -16.32 4.14
C ILE B 92 1.93 -17.65 3.70
N LYS B 93 2.33 -18.44 4.70
CA LYS B 93 2.85 -19.78 4.46
C LYS B 93 1.75 -20.81 4.68
N LEU B 94 1.71 -21.82 3.81
CA LEU B 94 0.73 -22.89 3.90
C LEU B 94 1.45 -24.23 3.86
N LYS B 95 0.90 -25.20 4.57
CA LYS B 95 1.44 -26.56 4.61
C LYS B 95 0.47 -27.49 3.89
N VAL B 96 0.95 -28.13 2.83
CA VAL B 96 0.14 -29.08 2.07
C VAL B 96 0.62 -30.48 2.44
N ILE B 97 -0.24 -31.25 3.09
CA ILE B 97 0.07 -32.59 3.56
C ILE B 97 -0.90 -33.57 2.91
N GLY B 98 -0.36 -34.59 2.25
CA GLY B 98 -1.17 -35.63 1.65
C GLY B 98 -1.56 -36.70 2.65
N GLN B 99 -2.20 -37.75 2.12
CA GLN B 99 -2.57 -38.87 2.97
C GLN B 99 -1.35 -39.65 3.43
N ASP B 100 -0.26 -39.60 2.66
CA ASP B 100 0.98 -40.26 3.02
C ASP B 100 1.82 -39.49 4.03
N SER B 101 1.25 -38.42 4.62
CA SER B 101 1.87 -37.58 5.65
C SER B 101 3.07 -36.80 5.14
N SER B 102 3.25 -36.69 3.83
CA SER B 102 4.36 -35.90 3.29
C SER B 102 3.93 -34.43 3.20
N GLU B 103 4.66 -33.56 3.91
CA GLU B 103 4.28 -32.16 4.03
C GLU B 103 5.11 -31.32 3.08
N ILE B 104 4.43 -30.56 2.21
CA ILE B 104 5.05 -29.61 1.31
C ILE B 104 4.57 -28.22 1.70
N HIS B 105 5.45 -27.23 1.65
CA HIS B 105 5.14 -25.88 2.10
C HIS B 105 5.19 -24.90 0.93
N PHE B 106 4.20 -24.00 0.88
CA PHE B 106 4.13 -22.95 -0.12
C PHE B 106 3.97 -21.60 0.56
N LYS B 107 4.64 -20.59 0.02
CA LYS B 107 4.42 -19.20 0.43
C LYS B 107 3.75 -18.47 -0.73
N VAL B 108 2.50 -18.07 -0.53
CA VAL B 108 1.66 -17.54 -1.61
C VAL B 108 1.04 -16.22 -1.18
N LYS B 109 0.64 -15.44 -2.18
CA LYS B 109 -0.06 -14.19 -1.92
C LYS B 109 -1.50 -14.46 -1.48
N MET B 110 -2.01 -13.57 -0.62
CA MET B 110 -3.36 -13.73 -0.09
C MET B 110 -4.41 -13.69 -1.20
N THR B 111 -4.14 -12.99 -2.29
CA THR B 111 -5.11 -12.76 -3.35
C THR B 111 -4.83 -13.56 -4.61
N THR B 112 -3.98 -14.57 -4.53
CA THR B 112 -3.58 -15.36 -5.70
C THR B 112 -4.41 -16.64 -5.77
N HIS B 113 -4.82 -16.98 -7.00
CA HIS B 113 -5.51 -18.24 -7.24
C HIS B 113 -4.73 -19.40 -6.65
N LEU B 114 -5.43 -20.29 -5.95
CA LEU B 114 -4.84 -21.51 -5.45
C LEU B 114 -4.67 -22.57 -6.52
N LYS B 115 -4.92 -22.22 -7.79
CA LYS B 115 -4.74 -23.18 -8.88
C LYS B 115 -3.27 -23.57 -9.02
N LYS B 116 -2.37 -22.60 -8.91
CA LYS B 116 -0.95 -22.87 -9.09
C LYS B 116 -0.40 -23.77 -7.99
N LEU B 117 -0.91 -23.63 -6.75
CA LEU B 117 -0.48 -24.52 -5.67
C LEU B 117 -0.90 -25.95 -5.95
N LYS B 118 -2.13 -26.15 -6.45
CA LYS B 118 -2.60 -27.49 -6.74
C LYS B 118 -1.85 -28.12 -7.91
N GLU B 119 -1.53 -27.32 -8.93
CA GLU B 119 -0.79 -27.84 -10.07
C GLU B 119 0.62 -28.25 -9.67
N SER B 120 1.31 -27.37 -8.94
CA SER B 120 2.69 -27.66 -8.54
C SER B 120 2.77 -28.89 -7.64
N TYR B 121 1.74 -29.13 -6.83
CA TYR B 121 1.73 -30.32 -5.98
C TYR B 121 1.53 -31.59 -6.80
N CYS B 122 0.77 -31.51 -7.89
CA CYS B 122 0.51 -32.69 -8.71
C CYS B 122 1.74 -33.06 -9.53
N GLN B 123 2.39 -32.08 -10.15
CA GLN B 123 3.57 -32.37 -10.96
C GLN B 123 4.70 -32.91 -10.11
N ARG B 124 4.84 -32.42 -8.88
CA ARG B 124 5.89 -32.89 -7.98
C ARG B 124 5.65 -34.30 -7.46
N GLN B 125 4.51 -34.92 -7.80
CA GLN B 125 4.22 -36.27 -7.33
C GLN B 125 3.72 -37.20 -8.42
N GLY B 126 3.64 -36.73 -9.67
CA GLY B 126 3.25 -37.58 -10.79
C GLY B 126 1.82 -38.10 -10.73
N VAL B 127 1.08 -37.67 -9.72
CA VAL B 127 -0.31 -38.08 -9.54
C VAL B 127 -1.21 -37.24 -10.44
N PRO B 128 -2.16 -37.84 -11.15
CA PRO B 128 -3.08 -37.04 -11.98
C PRO B 128 -3.86 -36.04 -11.13
N MET B 129 -4.11 -34.87 -11.71
CA MET B 129 -4.81 -33.81 -10.98
C MET B 129 -6.25 -34.18 -10.71
N ASN B 130 -6.91 -34.84 -11.67
CA ASN B 130 -8.32 -35.18 -11.52
C ASN B 130 -8.58 -36.15 -10.38
N SER B 131 -7.54 -36.81 -9.87
CA SER B 131 -7.70 -37.81 -8.82
C SER B 131 -7.55 -37.23 -7.42
N LEU B 132 -7.11 -35.99 -7.28
CA LEU B 132 -6.78 -35.43 -5.98
C LEU B 132 -7.83 -34.41 -5.54
N ARG B 133 -8.12 -34.38 -4.25
CA ARG B 133 -8.98 -33.39 -3.64
C ARG B 133 -8.19 -32.63 -2.58
N PHE B 134 -8.15 -31.30 -2.72
CA PHE B 134 -7.44 -30.44 -1.78
C PHE B 134 -8.45 -29.85 -0.80
N LEU B 135 -8.33 -30.22 0.46
CA LEU B 135 -9.35 -29.92 1.47
C LEU B 135 -8.83 -28.92 2.48
N PHE B 136 -9.65 -27.92 2.80
CA PHE B 136 -9.38 -26.97 3.88
C PHE B 136 -10.69 -26.72 4.61
N GLU B 137 -10.78 -27.20 5.84
CA GLU B 137 -11.98 -27.05 6.68
C GLU B 137 -13.22 -27.60 5.97
N GLY B 138 -13.10 -28.83 5.48
CA GLY B 138 -14.23 -29.49 4.85
C GLY B 138 -14.73 -28.86 3.57
N GLN B 139 -13.83 -28.23 2.81
CA GLN B 139 -14.19 -27.60 1.55
C GLN B 139 -13.22 -28.03 0.47
N ARG B 140 -13.75 -28.26 -0.73
CA ARG B 140 -12.93 -28.64 -1.87
C ARG B 140 -12.31 -27.38 -2.47
N ILE B 141 -10.99 -27.26 -2.37
CA ILE B 141 -10.30 -26.06 -2.85
C ILE B 141 -10.38 -26.04 -4.37
N ALA B 142 -11.10 -25.06 -4.91
CA ALA B 142 -11.19 -24.88 -6.34
C ALA B 142 -9.97 -24.11 -6.85
N ASP B 143 -9.75 -24.20 -8.17
CA ASP B 143 -8.66 -23.45 -8.79
C ASP B 143 -8.81 -21.96 -8.58
N ASN B 144 -10.04 -21.47 -8.48
CA ASN B 144 -10.30 -20.05 -8.37
C ASN B 144 -10.45 -19.56 -6.93
N HIS B 145 -10.24 -20.43 -5.94
CA HIS B 145 -10.22 -19.96 -4.56
C HIS B 145 -8.92 -19.21 -4.28
N THR B 146 -9.00 -18.29 -3.32
CA THR B 146 -7.85 -17.59 -2.78
C THR B 146 -7.77 -17.83 -1.28
N PRO B 147 -6.58 -17.76 -0.69
CA PRO B 147 -6.49 -17.84 0.77
C PRO B 147 -7.31 -16.77 1.47
N LYS B 148 -7.43 -15.60 0.87
CA LYS B 148 -8.24 -14.53 1.45
C LYS B 148 -9.71 -14.93 1.50
N GLU B 149 -10.24 -15.47 0.41
CA GLU B 149 -11.64 -15.91 0.39
C GLU B 149 -11.88 -17.01 1.41
N LEU B 150 -10.96 -17.98 1.50
CA LEU B 150 -11.11 -19.08 2.44
C LEU B 150 -10.76 -18.69 3.86
N GLY B 151 -10.14 -17.53 4.07
CA GLY B 151 -9.80 -17.10 5.41
C GLY B 151 -8.66 -17.86 6.05
N MET B 152 -7.70 -18.33 5.26
CA MET B 152 -6.58 -19.05 5.80
C MET B 152 -5.58 -18.09 6.44
N GLU B 153 -4.94 -18.56 7.50
CA GLU B 153 -3.92 -17.82 8.22
C GLU B 153 -2.56 -18.49 8.03
N GLU B 154 -1.53 -17.88 8.59
CA GLU B 154 -0.17 -18.40 8.45
C GLU B 154 -0.08 -19.81 9.03
N GLU B 155 0.65 -20.67 8.33
CA GLU B 155 0.89 -22.06 8.73
C GLU B 155 -0.40 -22.89 8.75
N ASP B 156 -1.41 -22.48 8.01
CA ASP B 156 -2.58 -23.32 7.83
C ASP B 156 -2.23 -24.53 6.99
N VAL B 157 -3.04 -25.59 7.10
CA VAL B 157 -2.74 -26.88 6.50
C VAL B 157 -3.84 -27.22 5.49
N ILE B 158 -3.42 -27.59 4.28
CA ILE B 158 -4.31 -28.13 3.25
C ILE B 158 -4.06 -29.63 3.16
N GLU B 159 -5.13 -30.41 3.27
CA GLU B 159 -5.02 -31.87 3.27
C GLU B 159 -5.41 -32.41 1.90
N VAL B 160 -4.61 -33.35 1.39
CA VAL B 160 -4.75 -33.89 0.05
C VAL B 160 -5.28 -35.31 0.16
N TYR B 161 -6.32 -35.62 -0.60
CA TYR B 161 -6.93 -36.94 -0.61
C TYR B 161 -7.07 -37.44 -2.04
N GLN B 162 -6.85 -38.74 -2.23
CA GLN B 162 -6.88 -39.35 -3.56
C GLN B 162 -8.28 -39.87 -3.83
N GLU B 163 -9.01 -39.19 -4.70
CA GLU B 163 -10.37 -39.59 -5.06
C GLU B 163 -10.34 -40.82 -5.97
N ALA C 13 23.73 7.31 -23.46
CA ALA C 13 22.51 6.54 -23.35
C ALA C 13 22.41 5.87 -21.97
N HIS C 14 22.87 6.57 -20.94
CA HIS C 14 22.87 6.04 -19.59
C HIS C 14 21.47 5.99 -18.97
N LEU C 15 20.45 6.40 -19.69
CA LEU C 15 19.09 6.45 -19.16
C LEU C 15 18.23 5.29 -19.62
N ARG C 16 18.81 4.29 -20.29
CA ARG C 16 18.05 3.11 -20.67
C ARG C 16 17.70 2.23 -19.48
N LEU C 17 18.28 2.48 -18.32
CA LEU C 17 17.93 1.73 -17.11
C LEU C 17 16.55 2.13 -16.63
N GLN C 18 15.91 1.23 -15.90
CA GLN C 18 14.68 1.59 -15.20
C GLN C 18 14.99 2.67 -14.17
N PRO C 19 14.08 3.63 -13.95
CA PRO C 19 14.39 4.75 -13.05
C PRO C 19 14.79 4.33 -11.65
N ILE C 20 14.38 3.14 -11.21
CA ILE C 20 14.71 2.67 -9.86
C ILE C 20 16.22 2.57 -9.68
N TYR C 21 16.96 2.36 -10.77
CA TYR C 21 18.41 2.23 -10.71
C TYR C 21 19.13 3.52 -11.05
N TRP C 22 18.40 4.60 -11.34
CA TRP C 22 19.04 5.86 -11.68
C TRP C 22 19.83 6.41 -10.51
N SER C 23 21.05 6.86 -10.79
CA SER C 23 21.82 7.59 -9.81
C SER C 23 21.34 9.04 -9.76
N ARG C 24 21.90 9.81 -8.83
CA ARG C 24 21.59 11.23 -8.79
C ARG C 24 22.08 11.93 -10.05
N ASP C 25 23.20 11.45 -10.61
CA ASP C 25 23.69 12.00 -11.87
C ASP C 25 22.78 11.61 -13.02
N ASP C 26 22.24 10.39 -12.99
CA ASP C 26 21.29 9.97 -14.02
C ASP C 26 20.04 10.84 -13.99
N VAL C 27 19.56 11.20 -12.80
CA VAL C 27 18.38 12.04 -12.67
C VAL C 27 18.62 13.40 -13.32
N ALA C 28 19.79 13.99 -13.04
CA ALA C 28 20.11 15.29 -13.63
C ALA C 28 20.28 15.19 -15.15
N GLN C 29 20.87 14.09 -15.63
CA GLN C 29 20.94 13.85 -17.06
C GLN C 29 19.55 13.76 -17.65
N TRP C 30 18.64 13.06 -16.96
CA TRP C 30 17.28 12.91 -17.45
C TRP C 30 16.56 14.26 -17.55
N LEU C 31 16.83 15.16 -16.60
CA LEU C 31 16.21 16.48 -16.63
C LEU C 31 16.70 17.27 -17.83
N LYS C 32 18.01 17.26 -18.08
CA LYS C 32 18.56 17.98 -19.22
C LYS C 32 18.05 17.41 -20.54
N TRP C 33 17.92 16.08 -20.62
CA TRP C 33 17.37 15.47 -21.83
C TRP C 33 15.92 15.85 -22.03
N ALA C 34 15.12 15.80 -20.96
CA ALA C 34 13.71 16.15 -21.07
C ALA C 34 13.52 17.61 -21.45
N GLU C 35 14.36 18.49 -20.92
CA GLU C 35 14.26 19.92 -21.23
C GLU C 35 14.43 20.17 -22.72
N ASN C 36 15.39 19.50 -23.35
CA ASN C 36 15.63 19.71 -24.78
C ASN C 36 14.61 18.97 -25.64
N GLU C 37 14.22 17.76 -25.23
CA GLU C 37 13.29 16.97 -26.03
C GLU C 37 11.90 17.60 -26.06
N PHE C 38 11.50 18.30 -25.00
CA PHE C 38 10.15 18.80 -24.86
C PHE C 38 10.10 20.32 -24.82
N SER C 39 11.20 21.00 -25.11
CA SER C 39 11.26 22.46 -25.19
C SER C 39 10.73 23.11 -23.91
N LEU C 40 11.13 22.56 -22.77
CA LEU C 40 10.70 23.09 -21.50
C LEU C 40 11.56 24.28 -21.09
N ARG C 41 11.04 25.08 -20.17
CA ARG C 41 11.84 26.13 -19.57
C ARG C 41 13.04 25.51 -18.85
N PRO C 42 14.19 26.17 -18.84
CA PRO C 42 15.40 25.58 -18.25
C PRO C 42 15.15 25.12 -16.81
N ILE C 43 15.55 23.88 -16.55
CA ILE C 43 15.37 23.26 -15.24
C ILE C 43 16.68 23.34 -14.48
N ASP C 44 16.65 24.01 -13.33
CA ASP C 44 17.82 24.06 -12.46
C ASP C 44 18.21 22.64 -12.06
N SER C 45 19.52 22.37 -12.09
CA SER C 45 19.99 21.03 -11.74
C SER C 45 19.65 20.66 -10.30
N ASN C 46 19.59 21.66 -9.41
CA ASN C 46 19.24 21.43 -8.01
C ASN C 46 17.75 21.19 -7.78
N THR C 47 16.96 20.97 -8.82
CA THR C 47 15.52 20.79 -8.66
C THR C 47 15.19 19.43 -8.06
N PHE C 48 15.94 18.39 -8.42
CA PHE C 48 15.70 17.02 -7.94
C PHE C 48 17.03 16.43 -7.45
N GLU C 49 17.51 16.92 -6.32
CA GLU C 49 18.77 16.44 -5.75
C GLU C 49 18.51 15.13 -5.01
N MET C 50 18.41 14.06 -5.78
CA MET C 50 18.06 12.74 -5.28
C MET C 50 18.29 11.73 -6.40
N ASN C 51 18.27 10.45 -6.03
CA ASN C 51 18.45 9.39 -7.01
C ASN C 51 17.09 8.93 -7.54
N GLY C 52 17.12 7.90 -8.40
CA GLY C 52 15.91 7.51 -9.11
C GLY C 52 14.84 6.94 -8.20
N LYS C 53 15.24 6.14 -7.21
CA LYS C 53 14.24 5.53 -6.33
C LYS C 53 13.63 6.55 -5.39
N ALA C 54 14.35 7.64 -5.09
CA ALA C 54 13.73 8.74 -4.36
C ALA C 54 12.74 9.48 -5.26
N LEU C 55 13.07 9.63 -6.54
CA LEU C 55 12.17 10.25 -7.50
C LEU C 55 10.81 9.57 -7.52
N LEU C 56 10.80 8.24 -7.44
CA LEU C 56 9.57 7.47 -7.55
C LEU C 56 8.69 7.59 -6.31
N LEU C 57 9.22 8.10 -5.20
CA LEU C 57 8.39 8.30 -4.01
C LEU C 57 7.65 9.63 -4.04
N LEU C 58 8.06 10.57 -4.89
CA LEU C 58 7.41 11.87 -4.95
C LEU C 58 6.04 11.76 -5.60
N THR C 59 5.13 12.62 -5.15
CA THR C 59 3.82 12.73 -5.77
C THR C 59 3.87 13.71 -6.93
N LYS C 60 2.78 13.77 -7.70
CA LYS C 60 2.69 14.76 -8.76
C LYS C 60 2.68 16.18 -8.20
N GLU C 61 2.05 16.36 -7.04
CA GLU C 61 2.09 17.66 -6.38
C GLU C 61 3.52 18.06 -6.01
N ASP C 62 4.34 17.08 -5.58
CA ASP C 62 5.74 17.38 -5.28
C ASP C 62 6.49 17.83 -6.53
N PHE C 63 6.24 17.15 -7.66
CA PHE C 63 6.83 17.60 -8.92
C PHE C 63 6.41 19.03 -9.25
N ARG C 64 5.14 19.37 -8.98
CA ARG C 64 4.66 20.71 -9.26
C ARG C 64 5.33 21.75 -8.37
N TYR C 65 5.45 21.44 -7.07
CA TYR C 65 6.13 22.34 -6.15
C TYR C 65 7.57 22.58 -6.60
N ARG C 66 8.27 21.52 -7.00
CA ARG C 66 9.67 21.64 -7.37
C ARG C 66 9.85 22.32 -8.73
N SER C 67 8.92 22.10 -9.66
CA SER C 67 9.00 22.68 -11.00
C SER C 67 7.62 23.19 -11.39
N PRO C 68 7.27 24.43 -11.02
CA PRO C 68 5.96 24.97 -11.41
C PRO C 68 5.77 25.05 -12.91
N HIS C 69 6.84 25.14 -13.68
CA HIS C 69 6.72 25.27 -15.13
C HIS C 69 6.63 23.92 -15.84
N SER C 70 7.29 22.88 -15.30
CA SER C 70 7.37 21.62 -16.02
C SER C 70 7.11 20.41 -15.13
N GLY C 71 6.61 20.60 -13.91
CA GLY C 71 6.55 19.50 -12.95
C GLY C 71 5.62 18.37 -13.39
N ASP C 72 4.41 18.72 -13.82
CA ASP C 72 3.45 17.69 -14.22
C ASP C 72 3.92 16.96 -15.48
N GLU C 73 4.57 17.69 -16.39
CA GLU C 73 5.11 17.06 -17.59
C GLU C 73 6.17 16.03 -17.24
N LEU C 74 7.09 16.39 -16.34
CA LEU C 74 8.16 15.47 -15.95
C LEU C 74 7.61 14.27 -15.21
N TYR C 75 6.57 14.46 -14.39
CA TYR C 75 5.96 13.34 -13.68
C TYR C 75 5.33 12.35 -14.67
N GLU C 76 4.59 12.87 -15.66
CA GLU C 76 3.97 11.99 -16.63
C GLU C 76 5.00 11.34 -17.54
N LEU C 77 6.08 12.06 -17.85
CA LEU C 77 7.18 11.45 -18.59
C LEU C 77 7.76 10.27 -17.82
N LEU C 78 7.91 10.41 -16.51
CA LEU C 78 8.38 9.30 -15.68
C LEU C 78 7.37 8.16 -15.68
N GLN C 79 6.08 8.48 -15.64
CA GLN C 79 5.05 7.45 -15.69
C GLN C 79 5.14 6.64 -16.98
N HIS C 80 5.39 7.30 -18.10
CA HIS C 80 5.50 6.59 -19.38
C HIS C 80 6.75 5.72 -19.42
N ILE C 81 7.86 6.21 -18.88
CA ILE C 81 9.08 5.41 -18.81
C ILE C 81 8.85 4.18 -17.96
N LEU C 82 8.08 4.31 -16.88
CA LEU C 82 7.82 3.18 -16.00
C LEU C 82 6.96 2.12 -16.67
N ALA C 83 6.18 2.51 -17.68
CA ALA C 83 5.31 1.57 -18.39
C ALA C 83 5.95 0.99 -19.65
N GLN C 84 7.14 1.45 -20.02
CA GLN C 84 7.83 0.99 -21.22
C GLN C 84 8.24 -0.48 -21.14
N PRO C 85 8.75 -0.98 -20.01
CA PRO C 85 9.07 -2.43 -19.95
C PRO C 85 7.90 -3.34 -20.26
N ALA C 86 6.74 -3.11 -19.63
CA ALA C 86 5.59 -3.96 -19.90
C ALA C 86 5.10 -3.81 -21.34
N ALA C 87 5.32 -2.63 -21.94
CA ALA C 87 4.95 -2.46 -23.35
C ALA C 87 5.84 -3.29 -24.25
N GLU C 88 7.15 -3.32 -23.98
CA GLU C 88 8.06 -4.15 -24.78
C GLU C 88 7.86 -5.63 -24.48
N GLY C 89 7.40 -5.96 -23.26
CA GLY C 89 7.11 -7.35 -22.94
C GLY C 89 5.90 -7.91 -23.65
N GLU C 90 5.02 -7.03 -24.17
CA GLU C 90 3.88 -7.46 -24.96
C GLU C 90 4.29 -8.01 -26.32
N TYR C 91 5.53 -7.79 -26.75
CA TYR C 91 6.03 -8.30 -28.01
C TYR C 91 7.05 -9.41 -27.78
N ILE C 92 7.09 -10.37 -28.72
CA ILE C 92 8.04 -11.46 -28.69
C ILE C 92 8.49 -11.75 -30.12
N LYS C 93 9.69 -12.32 -30.24
CA LYS C 93 10.28 -12.62 -31.54
C LYS C 93 10.12 -14.11 -31.83
N LEU C 94 9.73 -14.42 -33.07
CA LEU C 94 9.58 -15.80 -33.52
C LEU C 94 10.04 -15.90 -34.97
N LYS C 95 10.49 -17.08 -35.36
CA LYS C 95 11.04 -17.30 -36.69
C LYS C 95 10.51 -18.59 -37.27
N VAL C 96 9.95 -18.51 -38.47
CA VAL C 96 9.51 -19.70 -39.19
C VAL C 96 10.72 -20.35 -39.85
N ILE C 97 10.63 -21.65 -40.09
CA ILE C 97 11.75 -22.44 -40.59
C ILE C 97 11.31 -23.19 -41.84
N GLY C 98 12.13 -23.11 -42.89
CA GLY C 98 11.91 -23.92 -44.07
C GLY C 98 12.49 -25.31 -43.90
N GLN C 99 12.22 -26.16 -44.90
CA GLN C 99 12.73 -27.53 -44.87
C GLN C 99 14.26 -27.53 -44.76
N ASP C 100 14.93 -26.86 -45.69
CA ASP C 100 16.33 -26.54 -45.49
C ASP C 100 16.45 -25.43 -44.45
N SER C 101 17.61 -25.38 -43.79
CA SER C 101 17.85 -24.42 -42.72
C SER C 101 17.53 -23.00 -43.18
N SER C 102 16.54 -22.38 -42.53
CA SER C 102 16.08 -21.06 -42.94
C SER C 102 15.60 -20.30 -41.70
N GLU C 103 15.52 -18.99 -41.85
CA GLU C 103 15.10 -18.10 -40.77
C GLU C 103 14.11 -17.08 -41.32
N ILE C 104 12.98 -16.92 -40.62
CA ILE C 104 11.97 -15.93 -40.98
C ILE C 104 11.59 -15.16 -39.73
N HIS C 105 12.52 -14.34 -39.23
CA HIS C 105 12.33 -13.67 -37.95
C HIS C 105 11.24 -12.61 -38.04
N PHE C 106 10.42 -12.53 -36.99
CA PHE C 106 9.38 -11.53 -36.90
C PHE C 106 9.13 -11.21 -35.43
N LYS C 107 8.60 -10.01 -35.19
CA LYS C 107 8.24 -9.57 -33.85
C LYS C 107 6.73 -9.36 -33.82
N VAL C 108 6.04 -10.12 -32.97
CA VAL C 108 4.58 -10.12 -32.90
C VAL C 108 4.14 -9.80 -31.48
N LYS C 109 3.03 -9.08 -31.36
CA LYS C 109 2.43 -8.85 -30.06
C LYS C 109 1.75 -10.11 -29.57
N MET C 110 1.78 -10.32 -28.25
CA MET C 110 1.20 -11.53 -27.67
C MET C 110 -0.30 -11.63 -27.90
N THR C 111 -0.96 -10.52 -28.23
CA THR C 111 -2.41 -10.50 -28.39
C THR C 111 -2.88 -10.41 -29.84
N THR C 112 -1.97 -10.25 -30.80
CA THR C 112 -2.36 -10.16 -32.19
C THR C 112 -2.63 -11.54 -32.77
N HIS C 113 -3.64 -11.63 -33.63
CA HIS C 113 -3.97 -12.89 -34.27
C HIS C 113 -2.82 -13.39 -35.12
N LEU C 114 -2.60 -14.70 -35.13
CA LEU C 114 -1.51 -15.28 -35.89
C LEU C 114 -1.81 -15.41 -37.37
N LYS C 115 -2.97 -14.91 -37.83
CA LYS C 115 -3.20 -14.77 -39.26
C LYS C 115 -2.27 -13.75 -39.88
N LYS C 116 -1.84 -12.75 -39.09
CA LYS C 116 -0.92 -11.75 -39.60
C LYS C 116 0.44 -12.35 -39.93
N LEU C 117 0.93 -13.25 -39.07
CA LEU C 117 2.21 -13.91 -39.32
C LEU C 117 2.13 -14.83 -40.53
N LYS C 118 0.99 -15.50 -40.72
CA LYS C 118 0.82 -16.37 -41.88
C LYS C 118 0.77 -15.57 -43.18
N GLU C 119 0.27 -14.33 -43.12
CA GLU C 119 0.20 -13.51 -44.33
C GLU C 119 1.59 -13.04 -44.74
N SER C 120 2.47 -12.77 -43.77
CA SER C 120 3.81 -12.30 -44.10
C SER C 120 4.65 -13.40 -44.72
N TYR C 121 4.54 -14.63 -44.22
CA TYR C 121 5.28 -15.75 -44.79
C TYR C 121 4.80 -16.07 -46.21
N CYS C 122 3.50 -15.93 -46.46
CA CYS C 122 2.99 -16.18 -47.81
C CYS C 122 3.36 -15.06 -48.77
N GLN C 123 3.53 -13.84 -48.26
CA GLN C 123 3.82 -12.70 -49.12
C GLN C 123 5.29 -12.67 -49.54
N ARG C 124 6.19 -13.04 -48.62
CA ARG C 124 7.63 -13.02 -48.87
C ARG C 124 8.15 -14.45 -48.93
N GLN C 125 8.77 -14.81 -50.06
CA GLN C 125 9.26 -16.16 -50.31
C GLN C 125 8.14 -17.18 -50.12
N GLY C 126 6.94 -16.82 -50.58
CA GLY C 126 5.78 -17.67 -50.41
C GLY C 126 5.17 -18.13 -51.72
N VAL C 127 4.79 -19.40 -51.76
CA VAL C 127 4.10 -19.98 -52.91
C VAL C 127 2.81 -19.21 -53.13
N PRO C 128 2.33 -19.09 -54.37
CA PRO C 128 1.07 -18.36 -54.60
C PRO C 128 -0.09 -18.87 -53.76
N MET C 129 -0.26 -20.19 -53.69
CA MET C 129 -1.16 -20.79 -52.74
C MET C 129 -0.47 -20.91 -51.39
N ASN C 130 -1.12 -20.45 -50.33
CA ASN C 130 -0.62 -20.61 -48.97
C ASN C 130 -0.90 -22.05 -48.49
N SER C 131 -0.39 -23.00 -49.26
CA SER C 131 -0.70 -24.41 -49.01
C SER C 131 -0.11 -24.88 -47.69
N LEU C 132 1.07 -24.36 -47.32
CA LEU C 132 1.68 -24.76 -46.07
C LEU C 132 0.86 -24.25 -44.89
N ARG C 133 0.80 -25.06 -43.83
CA ARG C 133 0.12 -24.71 -42.60
C ARG C 133 1.16 -24.46 -41.52
N PHE C 134 1.19 -23.24 -41.00
CA PHE C 134 2.12 -22.90 -39.93
C PHE C 134 1.88 -23.80 -38.72
N LEU C 135 2.92 -24.50 -38.28
CA LEU C 135 2.81 -25.49 -37.22
C LEU C 135 3.64 -25.06 -36.01
N PHE C 136 3.05 -25.24 -34.83
CA PHE C 136 3.73 -25.00 -33.56
C PHE C 136 3.30 -26.08 -32.59
N GLU C 137 4.28 -26.76 -31.98
CA GLU C 137 4.03 -27.91 -31.13
C GLU C 137 3.25 -28.99 -31.87
N GLY C 138 3.44 -29.05 -33.18
CA GLY C 138 2.73 -30.01 -34.03
C GLY C 138 1.42 -29.51 -34.63
N GLN C 139 0.58 -28.88 -33.80
CA GLN C 139 -0.73 -28.46 -34.24
C GLN C 139 -0.64 -27.34 -35.27
N ARG C 140 -1.58 -27.33 -36.20
CA ARG C 140 -1.64 -26.29 -37.21
C ARG C 140 -2.18 -25.00 -36.60
N ILE C 141 -1.52 -23.89 -36.88
CA ILE C 141 -1.91 -22.60 -36.34
C ILE C 141 -3.08 -22.04 -37.16
N ALA C 142 -4.16 -21.68 -36.48
CA ALA C 142 -5.32 -21.09 -37.11
C ALA C 142 -5.14 -19.58 -37.26
N ASP C 143 -6.00 -18.98 -38.08
CA ASP C 143 -5.98 -17.54 -38.26
C ASP C 143 -6.32 -16.80 -36.97
N ASN C 144 -7.16 -17.41 -36.12
CA ASN C 144 -7.59 -16.79 -34.87
C ASN C 144 -6.72 -17.16 -33.69
N HIS C 145 -5.72 -18.01 -33.86
CA HIS C 145 -4.78 -18.28 -32.79
C HIS C 145 -3.91 -17.06 -32.52
N THR C 146 -3.37 -16.99 -31.30
CA THR C 146 -2.55 -15.85 -30.90
C THR C 146 -1.39 -16.35 -30.03
N PRO C 147 -0.28 -15.62 -30.01
CA PRO C 147 0.87 -16.06 -29.20
C PRO C 147 0.55 -16.34 -27.74
N LYS C 148 -0.22 -15.46 -27.09
CA LYS C 148 -0.53 -15.65 -25.68
C LYS C 148 -1.37 -16.91 -25.46
N GLU C 149 -2.31 -17.18 -26.38
CA GLU C 149 -3.15 -18.37 -26.25
C GLU C 149 -2.34 -19.64 -26.52
N LEU C 150 -1.47 -19.61 -27.53
CA LEU C 150 -0.65 -20.77 -27.85
C LEU C 150 0.57 -20.92 -26.94
N GLY C 151 0.87 -19.92 -26.12
CA GLY C 151 2.00 -20.01 -25.20
C GLY C 151 3.33 -20.02 -25.90
N MET C 152 3.61 -18.97 -26.68
CA MET C 152 4.85 -18.86 -27.43
C MET C 152 5.76 -17.85 -26.74
N GLU C 153 6.93 -18.32 -26.32
CA GLU C 153 7.96 -17.45 -25.78
C GLU C 153 8.80 -16.86 -26.91
N GLU C 154 9.65 -15.89 -26.57
CA GLU C 154 10.47 -15.24 -27.57
C GLU C 154 11.50 -16.21 -28.15
N GLU C 155 11.83 -15.99 -29.43
CA GLU C 155 12.80 -16.81 -30.16
C GLU C 155 12.34 -18.26 -30.28
N ASP C 156 11.06 -18.45 -30.60
CA ASP C 156 10.51 -19.76 -30.86
C ASP C 156 10.33 -19.98 -32.35
N VAL C 157 10.24 -21.24 -32.75
CA VAL C 157 10.20 -21.62 -34.16
C VAL C 157 8.81 -22.07 -34.53
N ILE C 158 8.47 -21.89 -35.81
CA ILE C 158 7.18 -22.30 -36.37
C ILE C 158 7.46 -23.00 -37.69
N GLU C 159 7.24 -24.30 -37.73
CA GLU C 159 7.54 -25.11 -38.91
C GLU C 159 6.47 -24.85 -39.98
N VAL C 160 6.56 -25.59 -41.09
CA VAL C 160 5.60 -25.47 -42.18
C VAL C 160 5.45 -26.83 -42.84
N TYR C 161 4.33 -27.01 -43.54
CA TYR C 161 4.06 -28.28 -44.22
C TYR C 161 3.26 -28.05 -45.50
OH2 1PE D . 20.19 21.42 21.55
C12 1PE D . 20.16 20.56 20.43
C22 1PE D . 20.98 21.08 19.29
OH3 1PE D . 20.19 21.93 18.48
C13 1PE D . 20.36 23.50 16.68
C23 1PE D . 20.78 22.16 17.20
OH4 1PE D . 20.73 24.51 17.60
C14 1PE D . 20.28 26.67 18.50
C24 1PE D . 20.08 25.75 17.35
OH5 1PE D . 19.68 27.92 18.20
OH3 1PE E . -16.06 -1.91 28.11
C13 1PE E . -15.49 -1.35 25.85
C23 1PE E . -16.41 -1.09 27.00
OH4 1PE E . -15.90 -2.51 25.16
C14 1PE E . -16.31 -1.33 23.11
C24 1PE E . -15.60 -2.47 23.76
OH5 1PE E . -15.95 -1.23 21.74
C15 1PE E . -14.18 -1.10 20.15
C25 1PE E . -14.62 -0.79 21.54
OH6 1PE E . -14.96 -0.37 19.21
C16 1PE E . -16.26 -0.48 17.21
C26 1PE E . -15.81 -1.20 18.44
OH7 1PE E . -15.15 -0.07 16.43
P PO4 F . -16.52 -26.17 -3.16
O1 PO4 F . -16.55 -27.13 -2.01
O2 PO4 F . -16.13 -24.80 -2.66
O3 PO4 F . -15.53 -26.63 -4.19
O4 PO4 F . -17.90 -26.09 -3.79
#